data_1UJ3
#
_entry.id   1UJ3
#
_cell.length_a   103.054
_cell.length_b   265.996
_cell.length_c   42.254
_cell.angle_alpha   90.00
_cell.angle_beta   90.00
_cell.angle_gamma   90.00
#
_symmetry.space_group_name_H-M   'P 21 21 2'
#
loop_
_entity.id
_entity.type
_entity.pdbx_description
1 polymer 'IgG Fab light chain'
2 polymer 'IgG Fab heavy chain'
3 polymer 'tissue factor'
4 water water
#
loop_
_entity_poly.entity_id
_entity_poly.type
_entity_poly.pdbx_seq_one_letter_code
_entity_poly.pdbx_strand_id
1 'polypeptide(L)'
;DIQMTQSPSSLSASVGDRVTITCKASQDIKSFLSWYQQKPEKAPKSLIYYATSLADGVPSRFSGSGSGTDYTLTISSLQP
EDFATYYCLQHGESPYTFGGGTKVEIKRTVAAPSVFIFPPSDEQLKSGTASVVCLLNNFYPREAKVQWKVDNALQSGNSQ
ESVTEQDSKDSTYSLSSTLTLSKADYEKHKVYACEVTHQGLSSPVTKSFNRGECT
;
A
2 'polypeptide(L)'
;QVQLLESGAVLARPGTSVKISCKASGFNIKDYYMHWVKQRPGQGLEWIGGNDPANGHSMYDPKFQGRVTITADTSTSTVF
MELSSLRSEDTAVYYCARDSGYAMDYWGQGTLVTVSSASTKGPSVFPLAPCSRSTSESTAALGCLVKDYFPEPVTVSWNS
GALTSGVHTFPAVLQSSGLYSLSSVVTVPSSSLGTKTYTCNVDHKPSNTKVDKRVES
;
B
3 'polypeptide(L)'
;TVAAYNLTWKSTNFKTILEWEPKPVNQVYTVQISTKSGDWKSKCFYTTDTECDLTDEIVKDVKQTYLARVFSYPAGNVES
TGSAGEPLYENSPEFTPYLETNLGQPTIQSFEQVGTKVNVTVEDERTLVRRNNTFLSLRDVFGKDLIYTLYYWKSSSSGK
KTAKTNTNEFLIDVDKGENYCFSVQAVIPSRTVNRKSTDSPVECM
;
C
#
# COMPACT_ATOMS: atom_id res chain seq x y z
N ASP A 1 10.98 -10.58 15.33
CA ASP A 1 9.94 -10.28 14.30
C ASP A 1 8.58 -10.22 14.97
N ILE A 2 7.70 -9.36 14.46
CA ILE A 2 6.38 -9.19 15.04
C ILE A 2 5.24 -9.70 14.17
N GLN A 3 4.39 -10.55 14.74
CA GLN A 3 3.26 -11.09 14.02
C GLN A 3 2.01 -10.25 14.33
N MET A 4 1.21 -10.01 13.31
CA MET A 4 -0.02 -9.25 13.47
C MET A 4 -1.18 -10.17 13.14
N THR A 5 -2.14 -10.26 14.04
CA THR A 5 -3.30 -11.11 13.81
C THR A 5 -4.50 -10.18 13.70
N GLN A 6 -5.03 -10.10 12.49
CA GLN A 6 -6.17 -9.23 12.23
C GLN A 6 -7.45 -10.05 12.15
N SER A 7 -8.51 -9.53 12.75
CA SER A 7 -9.78 -10.24 12.73
C SER A 7 -10.96 -9.25 12.79
N PRO A 8 -12.12 -9.64 12.24
CA PRO A 8 -12.39 -10.93 11.59
C PRO A 8 -11.81 -10.82 10.16
N SER A 9 -11.77 -11.94 9.43
CA SER A 9 -11.25 -11.89 8.06
C SER A 9 -12.37 -11.34 7.17
N SER A 10 -13.60 -11.45 7.62
CA SER A 10 -14.72 -10.92 6.86
C SER A 10 -15.86 -10.46 7.75
N LEU A 11 -16.52 -9.36 7.38
CA LEU A 11 -17.65 -8.94 8.17
C LEU A 11 -18.75 -8.33 7.31
N SER A 12 -19.99 -8.59 7.71
CA SER A 12 -21.17 -8.13 7.01
C SER A 12 -21.81 -6.97 7.74
N ALA A 13 -22.15 -5.93 7.00
CA ALA A 13 -22.73 -4.76 7.62
C ALA A 13 -23.71 -4.05 6.69
N SER A 14 -24.51 -3.15 7.26
CA SER A 14 -25.48 -2.35 6.50
C SER A 14 -25.08 -0.90 6.67
N VAL A 15 -25.53 -0.07 5.74
CA VAL A 15 -25.28 1.36 5.77
C VAL A 15 -25.81 1.91 7.10
N GLY A 16 -24.99 2.72 7.76
CA GLY A 16 -25.38 3.27 9.04
C GLY A 16 -24.80 2.48 10.21
N ASP A 17 -24.38 1.24 9.99
CA ASP A 17 -23.83 0.46 11.10
C ASP A 17 -22.48 0.98 11.64
N ARG A 18 -22.12 0.45 12.80
CA ARG A 18 -20.83 0.77 13.36
C ARG A 18 -20.12 -0.58 13.37
N VAL A 19 -18.93 -0.67 12.77
CA VAL A 19 -18.23 -1.95 12.78
C VAL A 19 -16.85 -1.75 13.36
N THR A 20 -16.30 -2.84 13.91
CA THR A 20 -15.00 -2.80 14.55
C THR A 20 -14.09 -3.90 14.02
N ILE A 21 -12.87 -3.52 13.65
CA ILE A 21 -11.90 -4.46 13.14
C ILE A 21 -10.71 -4.43 14.11
N THR A 22 -10.17 -5.61 14.42
CA THR A 22 -9.10 -5.72 15.40
C THR A 22 -7.77 -6.28 14.90
N CYS A 23 -6.67 -5.79 15.45
CA CYS A 23 -5.34 -6.29 15.12
C CYS A 23 -4.61 -6.45 16.42
N LYS A 24 -4.02 -7.62 16.64
CA LYS A 24 -3.27 -7.89 17.86
C LYS A 24 -1.87 -8.21 17.43
N ALA A 25 -0.92 -7.51 18.04
CA ALA A 25 0.49 -7.69 17.71
C ALA A 25 1.10 -8.72 18.68
N SER A 26 2.13 -9.43 18.24
CA SER A 26 2.78 -10.45 19.09
C SER A 26 3.58 -9.85 20.23
N GLN A 27 3.84 -8.54 20.16
CA GLN A 27 4.51 -7.83 21.25
C GLN A 27 4.06 -6.37 21.21
N ASP A 28 4.34 -5.62 22.27
CA ASP A 28 3.95 -4.23 22.36
C ASP A 28 4.58 -3.45 21.20
N ILE A 29 3.76 -2.82 20.36
CA ILE A 29 4.34 -2.07 19.23
C ILE A 29 4.30 -0.56 19.42
N LYS A 30 4.00 -0.13 20.64
CA LYS A 30 4.00 1.27 21.03
C LYS A 30 3.29 2.21 20.07
N SER A 31 2.10 1.79 19.67
CA SER A 31 1.23 2.53 18.79
C SER A 31 1.68 2.77 17.36
N PHE A 32 2.77 2.12 16.94
CA PHE A 32 3.21 2.24 15.54
C PHE A 32 2.38 1.24 14.75
N LEU A 33 1.09 1.55 14.68
CA LEU A 33 0.08 0.74 14.04
C LEU A 33 -0.75 1.68 13.16
N SER A 34 -0.88 1.36 11.88
CA SER A 34 -1.66 2.24 11.02
C SER A 34 -2.64 1.37 10.26
N TRP A 35 -3.66 2.01 9.70
CA TRP A 35 -4.72 1.32 8.99
C TRP A 35 -4.87 1.84 7.59
N TYR A 36 -5.18 0.93 6.69
CA TYR A 36 -5.34 1.27 5.29
C TYR A 36 -6.63 0.69 4.72
N GLN A 37 -7.18 1.36 3.74
CA GLN A 37 -8.37 0.87 3.08
C GLN A 37 -7.96 0.52 1.64
N GLN A 38 -8.53 -0.52 1.07
CA GLN A 38 -8.18 -0.80 -0.33
C GLN A 38 -9.40 -1.34 -1.04
N LYS A 39 -9.71 -0.77 -2.20
CA LYS A 39 -10.83 -1.23 -3.00
C LYS A 39 -10.27 -2.04 -4.17
N PRO A 40 -11.11 -2.89 -4.80
CA PRO A 40 -10.68 -3.71 -5.93
C PRO A 40 -9.87 -2.94 -6.97
N GLU A 41 -8.71 -3.49 -7.31
CA GLU A 41 -7.84 -2.89 -8.31
C GLU A 41 -7.32 -1.49 -7.99
N LYS A 42 -7.39 -1.07 -6.74
CA LYS A 42 -6.89 0.25 -6.39
C LYS A 42 -5.78 0.05 -5.39
N ALA A 43 -4.90 1.04 -5.27
CA ALA A 43 -3.80 0.99 -4.32
C ALA A 43 -4.39 1.27 -2.94
N PRO A 44 -3.72 0.82 -1.89
CA PRO A 44 -4.22 1.08 -0.54
C PRO A 44 -4.20 2.57 -0.24
N LYS A 45 -5.01 3.02 0.72
CA LYS A 45 -5.01 4.42 1.11
C LYS A 45 -4.92 4.48 2.63
N SER A 46 -4.10 5.40 3.11
CA SER A 46 -3.88 5.61 4.53
C SER A 46 -5.13 6.16 5.22
N LEU A 47 -5.55 5.51 6.29
CA LEU A 47 -6.72 5.99 7.03
C LEU A 47 -6.35 6.58 8.38
N ILE A 48 -5.63 5.77 9.15
CA ILE A 48 -5.26 6.09 10.52
C ILE A 48 -3.78 5.72 10.74
N TYR A 49 -3.03 6.57 11.44
CA TYR A 49 -1.63 6.27 11.76
C TYR A 49 -1.39 6.51 13.25
N TYR A 50 -0.37 5.84 13.76
CA TYR A 50 0.01 5.92 15.15
C TYR A 50 -1.21 5.58 15.99
N ALA A 51 -1.85 4.49 15.59
CA ALA A 51 -3.02 3.94 16.24
C ALA A 51 -4.33 4.73 16.25
N THR A 52 -4.27 6.05 16.44
CA THR A 52 -5.50 6.84 16.57
C THR A 52 -5.60 8.15 15.79
N SER A 53 -4.54 8.50 15.09
CA SER A 53 -4.51 9.75 14.38
C SER A 53 -5.10 9.61 12.97
N LEU A 54 -6.16 10.38 12.72
CA LEU A 54 -6.85 10.38 11.45
C LEU A 54 -6.07 11.16 10.41
N ALA A 55 -5.77 10.49 9.29
CA ALA A 55 -4.99 11.10 8.21
C ALA A 55 -5.74 12.25 7.55
N ASP A 56 -4.97 13.14 6.94
CA ASP A 56 -5.52 14.32 6.29
C ASP A 56 -6.68 14.03 5.33
N GLY A 57 -7.83 14.65 5.58
CA GLY A 57 -8.97 14.43 4.70
C GLY A 57 -9.75 13.14 4.85
N VAL A 58 -9.29 12.22 5.70
CA VAL A 58 -10.03 10.97 5.85
C VAL A 58 -11.29 11.23 6.70
N PRO A 59 -12.45 10.68 6.29
CA PRO A 59 -13.70 10.89 7.02
C PRO A 59 -13.66 10.55 8.51
N SER A 60 -14.40 11.34 9.29
CA SER A 60 -14.46 11.16 10.73
C SER A 60 -15.16 9.85 11.06
N ARG A 61 -15.79 9.22 10.07
CA ARG A 61 -16.46 7.94 10.29
C ARG A 61 -15.38 6.91 10.73
N PHE A 62 -14.13 7.15 10.36
CA PHE A 62 -13.03 6.24 10.73
C PHE A 62 -12.36 6.71 12.01
N SER A 63 -12.15 5.79 12.95
CA SER A 63 -11.45 6.11 14.19
C SER A 63 -10.67 4.88 14.59
N GLY A 64 -9.60 5.09 15.33
CA GLY A 64 -8.77 3.98 15.77
C GLY A 64 -8.53 4.09 17.26
N SER A 65 -8.21 2.97 17.88
CA SER A 65 -7.96 3.00 19.30
C SER A 65 -7.03 1.87 19.73
N GLY A 66 -6.25 2.12 20.78
CA GLY A 66 -5.37 1.08 21.28
C GLY A 66 -3.95 1.47 21.59
N SER A 67 -3.26 0.59 22.30
CA SER A 67 -1.85 0.74 22.66
C SER A 67 -1.40 -0.68 23.05
N GLY A 68 -0.12 -0.85 23.35
CA GLY A 68 0.33 -2.18 23.71
C GLY A 68 0.30 -3.11 22.50
N THR A 69 -0.42 -4.21 22.64
CA THR A 69 -0.53 -5.19 21.58
C THR A 69 -1.88 -5.16 20.87
N ASP A 70 -2.90 -4.56 21.46
CA ASP A 70 -4.23 -4.61 20.84
C ASP A 70 -4.75 -3.31 20.24
N TYR A 71 -5.20 -3.33 18.98
CA TYR A 71 -5.65 -2.11 18.34
C TYR A 71 -6.95 -2.32 17.61
N THR A 72 -7.75 -1.26 17.47
CA THR A 72 -8.97 -1.43 16.72
C THR A 72 -9.23 -0.29 15.74
N LEU A 73 -9.91 -0.62 14.66
CA LEU A 73 -10.30 0.36 13.67
C LEU A 73 -11.81 0.27 13.75
N THR A 74 -12.48 1.39 13.99
CA THR A 74 -13.93 1.38 14.04
C THR A 74 -14.47 2.26 12.93
N ILE A 75 -15.50 1.78 12.23
CA ILE A 75 -16.11 2.59 11.17
C ILE A 75 -17.55 2.82 11.63
N SER A 76 -17.92 4.09 11.78
CA SER A 76 -19.25 4.47 12.24
C SER A 76 -20.06 5.06 11.08
N SER A 77 -21.38 5.03 11.18
CA SER A 77 -22.24 5.54 10.11
C SER A 77 -21.74 4.98 8.80
N LEU A 78 -21.49 3.67 8.78
CA LEU A 78 -20.97 3.03 7.59
C LEU A 78 -21.71 3.49 6.32
N GLN A 79 -20.95 4.00 5.35
CA GLN A 79 -21.49 4.44 4.08
C GLN A 79 -21.14 3.49 2.93
N PRO A 80 -21.89 3.55 1.82
CA PRO A 80 -21.63 2.67 0.66
C PRO A 80 -20.15 2.65 0.20
N GLU A 81 -19.50 3.81 0.16
CA GLU A 81 -18.10 3.87 -0.28
C GLU A 81 -17.15 3.24 0.76
N ASP A 82 -17.69 2.80 1.90
CA ASP A 82 -16.86 2.21 2.96
C ASP A 82 -16.73 0.68 2.83
N PHE A 83 -17.54 0.06 1.98
CA PHE A 83 -17.42 -1.39 1.80
C PHE A 83 -16.14 -1.55 0.99
N ALA A 84 -15.20 -2.29 1.57
CA ALA A 84 -13.88 -2.44 0.99
C ALA A 84 -13.09 -3.37 1.92
N THR A 85 -11.79 -3.51 1.64
CA THR A 85 -10.95 -4.34 2.51
C THR A 85 -10.02 -3.42 3.31
N TYR A 86 -9.77 -3.79 4.55
CA TYR A 86 -8.96 -2.97 5.44
C TYR A 86 -7.77 -3.76 5.95
N TYR A 87 -6.65 -3.08 6.13
CA TYR A 87 -5.43 -3.73 6.60
C TYR A 87 -4.77 -2.92 7.71
N CYS A 88 -4.23 -3.59 8.72
CA CYS A 88 -3.45 -2.83 9.69
C CYS A 88 -1.99 -3.06 9.26
N LEU A 89 -1.10 -2.22 9.78
CA LEU A 89 0.32 -2.32 9.48
C LEU A 89 1.15 -1.95 10.70
N GLN A 90 2.07 -2.82 11.09
CA GLN A 90 3.00 -2.56 12.18
C GLN A 90 4.27 -2.11 11.44
N HIS A 91 4.74 -0.88 11.65
CA HIS A 91 6.00 -0.51 11.02
C HIS A 91 6.89 0.35 11.92
N GLY A 92 6.82 0.05 13.21
CA GLY A 92 7.71 0.70 14.17
C GLY A 92 9.07 -0.01 14.08
N GLU A 93 9.11 -1.26 13.59
CA GLU A 93 10.39 -1.96 13.43
C GLU A 93 10.33 -3.01 12.34
N SER A 94 11.39 -3.12 11.55
CA SER A 94 11.38 -4.09 10.48
C SER A 94 11.74 -5.46 11.07
N PRO A 95 11.25 -6.55 10.45
CA PRO A 95 10.42 -6.51 9.24
C PRO A 95 9.02 -5.98 9.54
N TYR A 96 8.54 -5.11 8.64
CA TYR A 96 7.21 -4.50 8.78
C TYR A 96 6.22 -5.58 8.44
N THR A 97 5.08 -5.58 9.12
CA THR A 97 4.08 -6.59 8.87
C THR A 97 2.64 -6.11 8.80
N PHE A 98 1.92 -6.57 7.78
CA PHE A 98 0.52 -6.25 7.62
C PHE A 98 -0.33 -7.33 8.25
N GLY A 99 -1.51 -6.94 8.71
CA GLY A 99 -2.45 -7.91 9.23
C GLY A 99 -3.00 -8.58 7.98
N GLY A 100 -3.73 -9.68 8.16
CA GLY A 100 -4.26 -10.43 7.04
C GLY A 100 -5.36 -9.78 6.21
N GLY A 101 -5.96 -8.72 6.73
CA GLY A 101 -7.01 -8.03 6.02
C GLY A 101 -8.42 -8.38 6.50
N THR A 102 -9.35 -7.44 6.35
CA THR A 102 -10.74 -7.68 6.72
C THR A 102 -11.59 -7.11 5.61
N LYS A 103 -12.40 -7.95 4.97
CA LYS A 103 -13.27 -7.45 3.91
C LYS A 103 -14.63 -7.11 4.52
N VAL A 104 -15.06 -5.88 4.35
CA VAL A 104 -16.34 -5.46 4.87
C VAL A 104 -17.32 -5.51 3.70
N GLU A 105 -18.26 -6.44 3.76
CA GLU A 105 -19.23 -6.60 2.67
C GLU A 105 -20.66 -6.24 3.09
N ILE A 106 -21.53 -6.14 2.09
CA ILE A 106 -22.89 -5.71 2.26
C ILE A 106 -23.87 -6.77 2.69
N LYS A 107 -24.51 -6.52 3.81
CA LYS A 107 -25.50 -7.45 4.33
C LYS A 107 -26.84 -7.28 3.57
N ARG A 108 -27.55 -8.37 3.39
CA ARG A 108 -28.86 -8.35 2.74
C ARG A 108 -29.58 -9.61 3.18
N THR A 109 -30.85 -9.74 2.82
CA THR A 109 -31.57 -10.94 3.21
C THR A 109 -30.93 -12.15 2.54
N VAL A 110 -31.10 -13.32 3.15
CA VAL A 110 -30.56 -14.56 2.61
C VAL A 110 -31.20 -14.87 1.26
N ALA A 111 -30.42 -15.35 0.30
CA ALA A 111 -30.99 -15.71 -1.01
C ALA A 111 -30.36 -17.02 -1.46
N ALA A 112 -31.18 -18.02 -1.69
CA ALA A 112 -30.69 -19.32 -2.12
C ALA A 112 -30.19 -19.22 -3.55
N PRO A 113 -29.16 -19.97 -3.90
CA PRO A 113 -28.70 -19.85 -5.29
C PRO A 113 -29.59 -20.67 -6.22
N SER A 114 -29.63 -20.28 -7.49
CA SER A 114 -30.35 -21.04 -8.49
C SER A 114 -29.15 -21.84 -9.00
N VAL A 115 -29.30 -23.15 -9.09
CA VAL A 115 -28.19 -24.01 -9.49
C VAL A 115 -28.36 -24.63 -10.86
N PHE A 116 -27.26 -24.72 -11.61
CA PHE A 116 -27.31 -25.31 -12.94
C PHE A 116 -26.05 -26.10 -13.20
N ILE A 117 -26.18 -27.20 -13.93
CA ILE A 117 -25.02 -27.98 -14.28
C ILE A 117 -24.92 -27.99 -15.81
N PHE A 118 -23.70 -27.98 -16.32
CA PHE A 118 -23.48 -27.98 -17.76
C PHE A 118 -22.49 -29.07 -18.08
N PRO A 119 -22.82 -29.95 -19.04
CA PRO A 119 -21.88 -31.01 -19.37
C PRO A 119 -20.81 -30.49 -20.33
N PRO A 120 -19.75 -31.28 -20.53
CA PRO A 120 -18.72 -30.82 -21.45
C PRO A 120 -19.37 -30.90 -22.84
N SER A 121 -18.97 -30.01 -23.75
CA SER A 121 -19.52 -29.99 -25.09
C SER A 121 -18.87 -31.08 -25.95
N ASP A 122 -19.52 -31.50 -27.03
CA ASP A 122 -18.92 -32.53 -27.90
C ASP A 122 -17.63 -31.97 -28.45
N GLU A 123 -17.65 -30.68 -28.77
CA GLU A 123 -16.48 -30.03 -29.32
C GLU A 123 -15.28 -30.20 -28.40
N GLN A 124 -15.46 -29.94 -27.11
CA GLN A 124 -14.33 -30.09 -26.20
C GLN A 124 -13.90 -31.54 -26.00
N LEU A 125 -14.88 -32.44 -25.94
CA LEU A 125 -14.59 -33.85 -25.74
C LEU A 125 -13.71 -34.36 -26.87
N LYS A 126 -13.99 -33.91 -28.08
CA LYS A 126 -13.22 -34.33 -29.22
C LYS A 126 -11.74 -33.98 -29.08
N SER A 127 -11.41 -33.04 -28.20
CA SER A 127 -10.01 -32.66 -28.03
C SER A 127 -9.34 -33.40 -26.88
N GLY A 128 -10.08 -34.29 -26.22
CA GLY A 128 -9.49 -35.06 -25.13
C GLY A 128 -9.62 -34.59 -23.69
N THR A 129 -10.50 -33.63 -23.44
CA THR A 129 -10.70 -33.14 -22.08
C THR A 129 -12.18 -32.86 -21.90
N ALA A 130 -12.66 -33.02 -20.67
CA ALA A 130 -14.04 -32.75 -20.39
C ALA A 130 -14.10 -31.80 -19.21
N SER A 131 -14.81 -30.70 -19.41
CA SER A 131 -15.00 -29.70 -18.36
C SER A 131 -16.46 -29.74 -18.01
N VAL A 132 -16.78 -29.93 -16.73
CA VAL A 132 -18.17 -29.96 -16.32
C VAL A 132 -18.34 -28.75 -15.42
N VAL A 133 -19.38 -27.96 -15.69
CA VAL A 133 -19.59 -26.75 -14.92
C VAL A 133 -20.88 -26.69 -14.13
N CYS A 134 -20.73 -26.28 -12.87
CA CYS A 134 -21.85 -26.13 -11.96
C CYS A 134 -21.92 -24.63 -11.65
N LEU A 135 -23.10 -24.02 -11.82
CA LEU A 135 -23.29 -22.59 -11.56
C LEU A 135 -24.27 -22.34 -10.41
N LEU A 136 -23.85 -21.49 -9.47
CA LEU A 136 -24.68 -21.09 -8.32
C LEU A 136 -24.98 -19.63 -8.62
N ASN A 137 -26.22 -19.35 -9.00
CA ASN A 137 -26.54 -17.99 -9.39
C ASN A 137 -27.25 -17.09 -8.36
N ASN A 138 -26.70 -15.88 -8.19
CA ASN A 138 -27.29 -14.87 -7.31
C ASN A 138 -27.69 -15.29 -5.90
N PHE A 139 -26.72 -15.58 -5.05
CA PHE A 139 -27.08 -16.02 -3.72
C PHE A 139 -26.45 -15.15 -2.65
N TYR A 140 -26.88 -15.36 -1.42
CA TYR A 140 -26.37 -14.62 -0.26
C TYR A 140 -26.76 -15.42 0.97
N PRO A 141 -25.84 -15.58 1.94
CA PRO A 141 -24.46 -15.07 1.97
C PRO A 141 -23.48 -15.80 1.05
N ARG A 142 -22.25 -15.31 1.03
CA ARG A 142 -21.18 -15.85 0.21
C ARG A 142 -20.86 -17.34 0.46
N GLU A 143 -20.86 -17.73 1.72
CA GLU A 143 -20.56 -19.11 2.09
C GLU A 143 -21.41 -20.15 1.37
N ALA A 144 -20.74 -21.06 0.68
CA ALA A 144 -21.47 -22.11 -0.03
C ALA A 144 -20.55 -23.31 -0.21
N LYS A 145 -21.13 -24.50 -0.21
CA LYS A 145 -20.32 -25.69 -0.38
C LYS A 145 -20.77 -26.39 -1.63
N VAL A 146 -19.83 -26.60 -2.55
CA VAL A 146 -20.15 -27.27 -3.79
C VAL A 146 -19.32 -28.53 -3.88
N GLN A 147 -19.99 -29.67 -3.94
CA GLN A 147 -19.29 -30.94 -4.04
C GLN A 147 -19.59 -31.66 -5.35
N TRP A 148 -18.54 -32.15 -5.98
CA TRP A 148 -18.69 -32.90 -7.21
C TRP A 148 -18.72 -34.38 -6.84
N LYS A 149 -19.68 -35.09 -7.43
CA LYS A 149 -19.82 -36.54 -7.22
C LYS A 149 -19.95 -37.19 -8.58
N VAL A 150 -19.05 -38.13 -8.86
CA VAL A 150 -19.05 -38.86 -10.13
C VAL A 150 -19.46 -40.31 -9.80
N ASP A 151 -20.67 -40.68 -10.19
CA ASP A 151 -21.16 -42.01 -9.89
C ASP A 151 -21.18 -42.12 -8.38
N ASN A 152 -21.69 -41.06 -7.76
CA ASN A 152 -21.81 -40.95 -6.31
C ASN A 152 -20.50 -40.88 -5.54
N ALA A 153 -19.37 -40.92 -6.24
CA ALA A 153 -18.08 -40.83 -5.57
C ALA A 153 -17.63 -39.36 -5.45
N LEU A 154 -17.43 -38.90 -4.21
CA LEU A 154 -17.02 -37.52 -4.00
C LEU A 154 -15.70 -37.23 -4.71
N GLN A 155 -15.65 -36.10 -5.41
CA GLN A 155 -14.43 -35.73 -6.10
C GLN A 155 -13.60 -34.82 -5.24
N SER A 156 -12.32 -34.70 -5.57
CA SER A 156 -11.43 -33.86 -4.81
C SER A 156 -10.15 -33.62 -5.58
N GLY A 157 -9.65 -32.39 -5.51
CA GLY A 157 -8.41 -32.05 -6.20
C GLY A 157 -8.50 -31.85 -7.70
N ASN A 158 -9.69 -31.99 -8.28
CA ASN A 158 -9.85 -31.82 -9.72
C ASN A 158 -10.91 -30.79 -10.10
N SER A 159 -11.16 -29.83 -9.23
CA SER A 159 -12.14 -28.80 -9.56
C SER A 159 -11.62 -27.43 -9.12
N GLN A 160 -12.13 -26.37 -9.75
CA GLN A 160 -11.75 -25.00 -9.37
C GLN A 160 -12.99 -24.14 -9.30
N GLU A 161 -12.99 -23.19 -8.36
CA GLU A 161 -14.12 -22.30 -8.22
C GLU A 161 -13.71 -20.86 -8.52
N SER A 162 -14.70 -20.06 -8.89
CA SER A 162 -14.50 -18.66 -9.16
C SER A 162 -15.78 -18.02 -8.64
N VAL A 163 -15.63 -16.90 -7.95
CA VAL A 163 -16.80 -16.23 -7.39
C VAL A 163 -16.76 -14.79 -7.84
N THR A 164 -17.91 -14.22 -8.16
CA THR A 164 -17.95 -12.82 -8.56
C THR A 164 -17.95 -11.94 -7.33
N GLU A 165 -17.74 -10.64 -7.55
CA GLU A 165 -17.80 -9.67 -6.47
C GLU A 165 -19.29 -9.40 -6.23
N GLN A 166 -19.63 -8.93 -5.04
CA GLN A 166 -21.02 -8.68 -4.69
C GLN A 166 -21.70 -7.80 -5.76
N ASP A 167 -22.83 -8.26 -6.27
CA ASP A 167 -23.56 -7.53 -7.31
C ASP A 167 -23.90 -6.13 -6.84
N SER A 168 -23.65 -5.12 -7.68
CA SER A 168 -23.92 -3.74 -7.30
C SER A 168 -25.42 -3.46 -7.15
N LYS A 169 -26.22 -4.22 -7.90
CA LYS A 169 -27.68 -4.08 -7.89
C LYS A 169 -28.41 -4.84 -6.78
N ASP A 170 -28.14 -6.13 -6.61
CA ASP A 170 -28.84 -6.89 -5.56
C ASP A 170 -27.97 -7.48 -4.44
N SER A 171 -26.72 -7.05 -4.38
CA SER A 171 -25.77 -7.49 -3.36
C SER A 171 -25.58 -8.99 -3.23
N THR A 172 -25.88 -9.76 -4.28
CA THR A 172 -25.69 -11.19 -4.22
C THR A 172 -24.39 -11.60 -4.87
N TYR A 173 -24.04 -12.87 -4.72
CA TYR A 173 -22.83 -13.42 -5.31
C TYR A 173 -23.23 -14.51 -6.29
N SER A 174 -22.34 -14.85 -7.21
CA SER A 174 -22.58 -15.96 -8.11
C SER A 174 -21.27 -16.72 -8.11
N LEU A 175 -21.34 -18.01 -8.32
CA LEU A 175 -20.13 -18.82 -8.27
C LEU A 175 -20.15 -19.95 -9.24
N SER A 176 -18.97 -20.29 -9.75
CA SER A 176 -18.89 -21.43 -10.65
C SER A 176 -17.88 -22.42 -10.10
N SER A 177 -18.09 -23.68 -10.40
CA SER A 177 -17.16 -24.70 -9.97
C SER A 177 -16.93 -25.52 -11.24
N THR A 178 -15.67 -25.70 -11.59
CA THR A 178 -15.37 -26.44 -12.80
C THR A 178 -14.61 -27.74 -12.50
N LEU A 179 -15.17 -28.85 -12.94
CA LEU A 179 -14.57 -30.18 -12.77
C LEU A 179 -13.84 -30.53 -14.08
N THR A 180 -12.55 -30.80 -14.01
CA THR A 180 -11.80 -31.12 -15.23
C THR A 180 -11.23 -32.54 -15.24
N LEU A 181 -11.64 -33.31 -16.23
CA LEU A 181 -11.21 -34.70 -16.40
C LEU A 181 -10.74 -34.97 -17.82
N SER A 182 -9.76 -35.86 -17.95
CA SER A 182 -9.27 -36.25 -19.28
C SER A 182 -10.49 -36.91 -19.91
N LYS A 183 -10.50 -37.03 -21.24
CA LYS A 183 -11.62 -37.68 -21.92
C LYS A 183 -11.71 -39.12 -21.43
N ALA A 184 -10.54 -39.75 -21.29
CA ALA A 184 -10.46 -41.13 -20.83
C ALA A 184 -11.18 -41.30 -19.48
N ASP A 185 -10.73 -40.57 -18.46
CA ASP A 185 -11.38 -40.70 -17.16
C ASP A 185 -12.87 -40.35 -17.19
N TYR A 186 -13.23 -39.37 -18.03
CA TYR A 186 -14.61 -38.94 -18.15
C TYR A 186 -15.52 -40.03 -18.70
N GLU A 187 -15.00 -40.78 -19.66
CA GLU A 187 -15.79 -41.84 -20.28
C GLU A 187 -15.92 -43.12 -19.44
N LYS A 188 -15.22 -43.20 -18.32
CA LYS A 188 -15.34 -44.40 -17.50
C LYS A 188 -16.37 -44.25 -16.38
N HIS A 189 -17.21 -43.24 -16.48
CA HIS A 189 -18.26 -43.02 -15.48
C HIS A 189 -19.50 -42.50 -16.15
N LYS A 190 -20.63 -42.55 -15.45
CA LYS A 190 -21.88 -42.11 -16.05
C LYS A 190 -22.56 -40.89 -15.45
N VAL A 191 -22.82 -40.94 -14.15
CA VAL A 191 -23.51 -39.85 -13.48
C VAL A 191 -22.59 -38.75 -12.96
N TYR A 192 -22.86 -37.53 -13.43
CA TYR A 192 -22.09 -36.37 -13.01
C TYR A 192 -23.02 -35.44 -12.27
N ALA A 193 -22.78 -35.28 -10.98
CA ALA A 193 -23.66 -34.48 -10.16
C ALA A 193 -22.95 -33.39 -9.39
N CYS A 194 -23.70 -32.30 -9.19
CA CYS A 194 -23.20 -31.14 -8.45
C CYS A 194 -24.09 -30.99 -7.22
N GLU A 195 -23.51 -31.06 -6.03
CA GLU A 195 -24.29 -30.93 -4.79
C GLU A 195 -24.01 -29.60 -4.12
N VAL A 196 -25.07 -28.81 -3.93
CA VAL A 196 -24.93 -27.50 -3.33
C VAL A 196 -25.55 -27.36 -1.97
N THR A 197 -24.74 -26.89 -1.05
CA THR A 197 -25.13 -26.66 0.34
C THR A 197 -25.09 -25.17 0.59
N HIS A 198 -26.21 -24.60 1.05
CA HIS A 198 -26.24 -23.18 1.30
C HIS A 198 -27.33 -22.81 2.28
N GLN A 199 -27.05 -21.82 3.12
CA GLN A 199 -28.00 -21.37 4.12
C GLN A 199 -29.42 -21.17 3.61
N GLY A 200 -29.56 -20.73 2.36
CA GLY A 200 -30.90 -20.49 1.82
C GLY A 200 -31.61 -21.74 1.35
N LEU A 201 -30.93 -22.88 1.46
CA LEU A 201 -31.49 -24.16 1.03
C LEU A 201 -31.75 -25.05 2.24
N SER A 202 -33.00 -25.49 2.40
CA SER A 202 -33.39 -26.36 3.53
C SER A 202 -32.56 -27.63 3.53
N SER A 203 -32.29 -28.17 2.35
CA SER A 203 -31.48 -29.37 2.22
C SER A 203 -30.61 -29.26 0.98
N PRO A 204 -29.40 -29.84 1.02
CA PRO A 204 -28.49 -29.77 -0.12
C PRO A 204 -29.22 -30.04 -1.45
N VAL A 205 -28.92 -29.23 -2.46
CA VAL A 205 -29.55 -29.39 -3.77
C VAL A 205 -28.57 -30.05 -4.73
N THR A 206 -29.10 -30.88 -5.61
CA THR A 206 -28.25 -31.57 -6.57
C THR A 206 -28.74 -31.46 -8.00
N LYS A 207 -27.79 -31.29 -8.91
CA LYS A 207 -28.06 -31.20 -10.33
C LYS A 207 -27.10 -32.17 -10.95
N SER A 208 -27.57 -32.90 -11.94
CA SER A 208 -26.73 -33.89 -12.58
C SER A 208 -27.23 -34.22 -13.96
N PHE A 209 -26.40 -34.96 -14.68
CA PHE A 209 -26.73 -35.44 -16.01
C PHE A 209 -26.00 -36.77 -16.17
N ASN A 210 -26.35 -37.52 -17.21
CA ASN A 210 -25.70 -38.81 -17.46
C ASN A 210 -24.87 -38.67 -18.71
N ARG A 211 -23.60 -39.06 -18.62
CA ARG A 211 -22.70 -38.93 -19.77
C ARG A 211 -23.29 -39.47 -21.07
N GLY A 212 -23.19 -38.66 -22.12
CA GLY A 212 -23.69 -39.05 -23.43
C GLY A 212 -25.17 -38.82 -23.69
N GLU A 213 -25.97 -38.75 -22.64
CA GLU A 213 -27.40 -38.56 -22.82
C GLU A 213 -27.90 -37.14 -23.08
N CYS A 214 -27.07 -36.28 -23.64
CA CYS A 214 -27.47 -34.90 -23.93
C CYS A 214 -27.46 -34.63 -25.44
N GLN B 1 2.23 18.63 -5.79
CA GLN B 1 1.40 17.51 -5.35
C GLN B 1 2.18 16.20 -5.42
N VAL B 2 2.12 15.44 -4.34
CA VAL B 2 2.84 14.17 -4.24
C VAL B 2 2.31 13.05 -5.10
N GLN B 3 3.17 12.46 -5.90
CA GLN B 3 2.75 11.32 -6.70
C GLN B 3 3.86 10.29 -6.88
N LEU B 4 3.46 9.04 -6.99
CA LEU B 4 4.37 7.93 -7.19
C LEU B 4 3.86 7.20 -8.42
N LEU B 5 4.66 7.16 -9.48
CA LEU B 5 4.25 6.49 -10.71
C LEU B 5 5.13 5.28 -10.96
N GLU B 6 4.50 4.11 -10.94
CA GLU B 6 5.18 2.83 -11.13
C GLU B 6 5.40 2.50 -12.60
N SER B 7 6.46 1.79 -12.90
CA SER B 7 6.73 1.39 -14.27
C SER B 7 5.64 0.40 -14.73
N GLY B 8 5.57 0.12 -16.03
CA GLY B 8 4.54 -0.75 -16.55
C GLY B 8 4.63 -2.25 -16.23
N ALA B 9 3.53 -2.93 -16.48
CA ALA B 9 3.38 -4.34 -16.27
C ALA B 9 4.49 -5.07 -17.01
N VAL B 10 4.90 -6.20 -16.46
CA VAL B 10 5.95 -6.95 -17.09
C VAL B 10 5.72 -8.43 -16.90
N LEU B 11 6.12 -9.19 -17.92
CA LEU B 11 5.99 -10.64 -17.94
C LEU B 11 7.42 -11.16 -17.82
N ALA B 12 7.64 -12.18 -17.02
CA ALA B 12 8.99 -12.71 -16.92
C ALA B 12 8.93 -14.21 -16.78
N ARG B 13 9.99 -14.86 -17.24
CA ARG B 13 10.08 -16.31 -17.18
C ARG B 13 10.64 -16.73 -15.84
N PRO B 14 10.28 -17.91 -15.39
CA PRO B 14 10.77 -18.43 -14.12
C PRO B 14 12.30 -18.44 -14.16
N GLY B 15 12.94 -18.09 -13.05
CA GLY B 15 14.40 -18.12 -13.00
C GLY B 15 15.11 -16.86 -13.42
N THR B 16 14.42 -15.98 -14.13
CA THR B 16 15.04 -14.75 -14.58
C THR B 16 14.88 -13.66 -13.53
N SER B 17 15.17 -12.43 -13.92
CA SER B 17 15.06 -11.27 -13.02
C SER B 17 14.16 -10.24 -13.62
N VAL B 18 13.74 -9.30 -12.78
CA VAL B 18 12.90 -8.22 -13.23
C VAL B 18 13.26 -7.05 -12.34
N LYS B 19 13.16 -5.85 -12.87
CA LYS B 19 13.49 -4.65 -12.13
C LYS B 19 12.43 -3.64 -12.46
N ILE B 20 11.64 -3.29 -11.46
CA ILE B 20 10.59 -2.31 -11.64
C ILE B 20 10.99 -1.03 -10.95
N SER B 21 10.35 0.06 -11.33
CA SER B 21 10.69 1.35 -10.77
C SER B 21 9.48 2.14 -10.37
N CYS B 22 9.78 3.24 -9.70
CA CYS B 22 8.76 4.11 -9.21
C CYS B 22 9.31 5.51 -9.26
N LYS B 23 8.65 6.37 -10.02
CA LYS B 23 9.07 7.75 -10.21
C LYS B 23 8.33 8.64 -9.23
N ALA B 24 9.09 9.32 -8.38
CA ALA B 24 8.48 10.18 -7.37
C ALA B 24 8.47 11.64 -7.85
N SER B 25 7.43 12.38 -7.48
CA SER B 25 7.39 13.80 -7.83
C SER B 25 6.60 14.54 -6.79
N GLY B 26 6.94 15.81 -6.59
CA GLY B 26 6.22 16.60 -5.61
C GLY B 26 6.87 16.56 -4.23
N PHE B 27 8.05 15.94 -4.15
CA PHE B 27 8.82 15.83 -2.90
C PHE B 27 10.21 15.24 -3.21
N ASN B 28 11.13 15.34 -2.26
CA ASN B 28 12.46 14.78 -2.45
C ASN B 28 12.49 13.41 -1.73
N ILE B 29 12.73 12.34 -2.48
CA ILE B 29 12.77 11.01 -1.89
C ILE B 29 13.84 10.85 -0.78
N LYS B 30 14.85 11.73 -0.75
CA LYS B 30 15.84 11.57 0.31
C LYS B 30 15.27 12.05 1.65
N ASP B 31 14.12 12.71 1.62
CA ASP B 31 13.49 13.18 2.84
C ASP B 31 12.61 12.08 3.48
N TYR B 32 12.42 10.97 2.77
CA TYR B 32 11.54 9.92 3.27
C TYR B 32 12.17 8.53 3.23
N TYR B 33 11.34 7.51 3.42
CA TYR B 33 11.77 6.12 3.31
C TYR B 33 10.83 5.58 2.23
N MET B 34 11.38 4.93 1.22
CA MET B 34 10.58 4.38 0.12
C MET B 34 10.51 2.85 0.22
N HIS B 35 9.30 2.31 0.22
CA HIS B 35 9.09 0.87 0.38
C HIS B 35 8.35 0.19 -0.75
N TRP B 36 8.46 -1.13 -0.79
CA TRP B 36 7.78 -1.93 -1.79
C TRP B 36 6.89 -2.96 -1.08
N VAL B 37 5.67 -3.07 -1.58
CA VAL B 37 4.68 -3.96 -1.00
C VAL B 37 4.09 -4.78 -2.14
N LYS B 38 3.88 -6.06 -1.89
CA LYS B 38 3.33 -6.90 -2.93
C LYS B 38 1.99 -7.43 -2.53
N GLN B 39 1.20 -7.75 -3.53
CA GLN B 39 -0.10 -8.32 -3.29
C GLN B 39 -0.34 -9.35 -4.37
N ARG B 40 -0.34 -10.62 -3.98
CA ARG B 40 -0.63 -11.72 -4.90
C ARG B 40 -2.13 -11.71 -5.20
N PRO B 41 -2.53 -12.23 -6.37
CA PRO B 41 -3.95 -12.26 -6.77
C PRO B 41 -4.85 -12.79 -5.67
N GLY B 42 -5.81 -11.96 -5.26
CA GLY B 42 -6.74 -12.37 -4.23
C GLY B 42 -6.19 -12.47 -2.82
N GLN B 43 -4.94 -12.07 -2.61
CA GLN B 43 -4.34 -12.15 -1.27
C GLN B 43 -4.15 -10.78 -0.65
N GLY B 44 -3.53 -10.76 0.53
CA GLY B 44 -3.29 -9.52 1.24
C GLY B 44 -2.00 -8.80 0.88
N LEU B 45 -1.72 -7.74 1.61
CA LEU B 45 -0.53 -6.95 1.40
C LEU B 45 0.63 -7.58 2.14
N GLU B 46 1.81 -7.55 1.52
CA GLU B 46 3.00 -8.11 2.14
C GLU B 46 4.19 -7.17 1.89
N TRP B 47 4.87 -6.83 2.97
CA TRP B 47 6.01 -5.96 2.91
C TRP B 47 7.21 -6.69 2.33
N ILE B 48 7.86 -6.10 1.32
CA ILE B 48 9.04 -6.71 0.71
C ILE B 48 10.32 -6.11 1.30
N GLY B 49 10.38 -4.77 1.29
CA GLY B 49 11.53 -4.07 1.85
C GLY B 49 11.45 -2.60 1.51
N GLY B 50 12.45 -1.83 1.90
CA GLY B 50 12.41 -0.44 1.57
C GLY B 50 13.82 0.12 1.57
N ASN B 51 13.93 1.40 1.26
CA ASN B 51 15.24 2.05 1.21
C ASN B 51 15.15 3.49 1.72
N ASP B 52 16.21 3.95 2.36
CA ASP B 52 16.31 5.31 2.85
C ASP B 52 17.30 5.95 1.85
N PRO B 53 16.80 6.76 0.91
CA PRO B 53 17.73 7.37 -0.06
C PRO B 53 18.73 8.38 0.48
N ALA B 54 18.51 8.87 1.70
CA ALA B 54 19.45 9.84 2.26
C ALA B 54 20.76 9.13 2.62
N ASN B 55 20.71 7.83 2.88
CA ASN B 55 21.96 7.14 3.27
C ASN B 55 22.17 5.82 2.54
N GLY B 56 21.25 5.46 1.66
CA GLY B 56 21.41 4.20 0.95
C GLY B 56 21.05 2.93 1.70
N HIS B 57 20.64 3.00 2.97
CA HIS B 57 20.30 1.75 3.68
C HIS B 57 19.03 1.08 3.16
N SER B 58 19.13 -0.20 2.81
CA SER B 58 17.98 -0.94 2.33
C SER B 58 17.67 -2.04 3.33
N MET B 59 16.38 -2.26 3.60
CA MET B 59 15.94 -3.27 4.56
C MET B 59 15.05 -4.24 3.80
N TYR B 60 15.25 -5.53 4.01
CA TYR B 60 14.45 -6.54 3.30
C TYR B 60 13.83 -7.55 4.24
N ASP B 61 12.61 -7.98 3.94
CA ASP B 61 11.97 -9.00 4.75
C ASP B 61 12.82 -10.29 4.60
N PRO B 62 13.03 -11.01 5.72
CA PRO B 62 13.84 -12.24 5.67
C PRO B 62 13.48 -13.21 4.53
N LYS B 63 12.19 -13.30 4.19
CA LYS B 63 11.73 -14.19 3.13
C LYS B 63 12.21 -13.78 1.75
N PHE B 64 12.58 -12.52 1.57
CA PHE B 64 13.07 -12.08 0.26
C PHE B 64 14.58 -11.81 0.25
N GLN B 65 15.20 -11.74 1.42
CA GLN B 65 16.63 -11.43 1.43
C GLN B 65 17.37 -12.42 0.54
N GLY B 66 18.32 -11.92 -0.22
CA GLY B 66 19.03 -12.82 -1.11
C GLY B 66 18.57 -12.64 -2.54
N ARG B 67 17.29 -12.41 -2.80
CA ARG B 67 16.93 -12.21 -4.19
C ARG B 67 16.25 -10.90 -4.56
N VAL B 68 16.23 -9.97 -3.62
CA VAL B 68 15.64 -8.67 -3.90
C VAL B 68 16.64 -7.57 -3.58
N THR B 69 16.70 -6.57 -4.45
CA THR B 69 17.56 -5.45 -4.25
C THR B 69 16.73 -4.20 -4.51
N ILE B 70 16.76 -3.28 -3.55
CA ILE B 70 16.02 -2.04 -3.63
C ILE B 70 17.07 -0.95 -3.61
N THR B 71 16.99 -0.08 -4.61
CA THR B 71 17.93 1.00 -4.74
C THR B 71 17.15 2.26 -5.07
N ALA B 72 17.85 3.38 -5.00
CA ALA B 72 17.25 4.66 -5.31
C ALA B 72 18.24 5.46 -6.15
N ASP B 73 17.71 6.38 -6.94
CA ASP B 73 18.53 7.27 -7.76
C ASP B 73 17.98 8.65 -7.47
N THR B 74 18.64 9.37 -6.57
CA THR B 74 18.15 10.68 -6.19
C THR B 74 18.13 11.73 -7.30
N SER B 75 19.02 11.62 -8.28
CA SER B 75 19.05 12.61 -9.37
C SER B 75 17.84 12.47 -10.29
N THR B 76 17.23 11.30 -10.31
CA THR B 76 16.06 11.11 -11.16
C THR B 76 14.79 10.88 -10.36
N SER B 77 14.87 11.00 -9.03
CA SER B 77 13.71 10.79 -8.13
C SER B 77 13.03 9.44 -8.38
N THR B 78 13.83 8.41 -8.61
CA THR B 78 13.30 7.09 -8.90
C THR B 78 13.83 6.04 -7.92
N VAL B 79 12.96 5.12 -7.52
CA VAL B 79 13.36 4.03 -6.64
C VAL B 79 13.10 2.76 -7.44
N PHE B 80 13.91 1.73 -7.21
CA PHE B 80 13.77 0.50 -7.94
C PHE B 80 13.72 -0.74 -7.05
N MET B 81 13.05 -1.75 -7.56
CA MET B 81 13.03 -3.02 -6.88
C MET B 81 13.41 -4.03 -7.93
N GLU B 82 14.50 -4.75 -7.69
CA GLU B 82 14.90 -5.80 -8.60
C GLU B 82 14.74 -7.11 -7.85
N LEU B 83 14.07 -8.07 -8.50
CA LEU B 83 13.80 -9.37 -7.93
C LEU B 83 14.31 -10.43 -8.92
N SER B 84 15.09 -11.38 -8.41
CA SER B 84 15.67 -12.43 -9.24
C SER B 84 15.19 -13.83 -8.86
N SER B 85 15.64 -14.83 -9.61
CA SER B 85 15.22 -16.23 -9.41
C SER B 85 13.70 -16.24 -9.29
N LEU B 86 13.07 -15.49 -10.18
CA LEU B 86 11.61 -15.38 -10.20
C LEU B 86 10.90 -16.70 -10.26
N ARG B 87 9.82 -16.79 -9.50
CA ARG B 87 9.00 -17.99 -9.46
C ARG B 87 7.53 -17.58 -9.48
N SER B 88 6.65 -18.56 -9.65
CA SER B 88 5.22 -18.34 -9.71
C SER B 88 4.66 -17.47 -8.60
N GLU B 89 5.05 -17.76 -7.37
CA GLU B 89 4.59 -17.00 -6.21
C GLU B 89 4.91 -15.52 -6.34
N ASP B 90 5.84 -15.18 -7.22
CA ASP B 90 6.22 -13.79 -7.40
C ASP B 90 5.20 -13.04 -8.28
N THR B 91 4.31 -13.77 -8.92
CA THR B 91 3.29 -13.10 -9.75
C THR B 91 2.45 -12.31 -8.76
N ALA B 92 2.39 -10.99 -8.97
CA ALA B 92 1.67 -10.14 -8.04
C ALA B 92 1.72 -8.69 -8.49
N VAL B 93 0.97 -7.86 -7.75
CA VAL B 93 1.00 -6.43 -7.99
C VAL B 93 1.99 -5.88 -6.95
N TYR B 94 2.93 -5.07 -7.41
CA TYR B 94 3.91 -4.47 -6.55
C TYR B 94 3.63 -3.00 -6.41
N TYR B 95 3.58 -2.54 -5.17
CA TYR B 95 3.32 -1.13 -4.92
C TYR B 95 4.54 -0.47 -4.31
N CYS B 96 4.70 0.77 -4.73
CA CYS B 96 5.74 1.68 -4.29
C CYS B 96 4.96 2.42 -3.16
N ALA B 97 5.59 2.70 -2.04
CA ALA B 97 4.87 3.40 -0.98
C ALA B 97 5.85 4.27 -0.22
N ARG B 98 5.40 5.45 0.19
CA ARG B 98 6.24 6.38 0.91
C ARG B 98 5.96 6.26 2.38
N ASP B 99 7.03 6.13 3.17
CA ASP B 99 6.90 6.01 4.62
C ASP B 99 7.29 7.38 5.17
N SER B 100 6.36 8.02 5.85
CA SER B 100 6.55 9.35 6.42
C SER B 100 7.09 9.23 7.82
N GLY B 101 7.10 8.01 8.35
CA GLY B 101 7.57 7.79 9.69
C GLY B 101 6.47 7.10 10.47
N TYR B 102 5.30 7.71 10.46
CA TYR B 102 4.11 7.20 11.13
C TYR B 102 3.17 6.47 10.20
N ALA B 103 3.32 6.68 8.89
CA ALA B 103 2.42 6.02 7.96
C ALA B 103 2.97 5.87 6.55
N MET B 104 2.39 4.94 5.81
CA MET B 104 2.74 4.76 4.42
C MET B 104 1.70 5.76 3.88
N ASP B 105 2.07 7.03 3.82
CA ASP B 105 1.11 8.05 3.44
C ASP B 105 0.72 8.16 1.97
N TYR B 106 1.61 7.77 1.07
CA TYR B 106 1.32 7.82 -0.36
C TYR B 106 1.74 6.52 -1.00
N TRP B 107 0.92 6.07 -1.94
CA TRP B 107 1.16 4.79 -2.63
C TRP B 107 1.07 4.96 -4.13
N GLY B 108 1.85 4.18 -4.87
CA GLY B 108 1.77 4.22 -6.32
C GLY B 108 0.56 3.36 -6.69
N GLN B 109 0.19 3.32 -7.97
CA GLN B 109 -0.95 2.52 -8.38
C GLN B 109 -0.64 1.05 -8.61
N GLY B 110 0.62 0.67 -8.43
CA GLY B 110 0.96 -0.74 -8.56
C GLY B 110 1.34 -1.21 -9.96
N THR B 111 2.28 -2.14 -10.02
CA THR B 111 2.73 -2.71 -11.29
C THR B 111 2.56 -4.20 -11.21
N LEU B 112 1.96 -4.80 -12.24
CA LEU B 112 1.75 -6.24 -12.23
C LEU B 112 2.95 -6.93 -12.82
N VAL B 113 3.52 -7.86 -12.05
CA VAL B 113 4.63 -8.63 -12.54
C VAL B 113 4.07 -10.03 -12.67
N THR B 114 4.11 -10.57 -13.88
CA THR B 114 3.62 -11.91 -14.14
C THR B 114 4.82 -12.82 -14.39
N VAL B 115 4.91 -13.90 -13.64
CA VAL B 115 6.02 -14.82 -13.83
C VAL B 115 5.39 -16.09 -14.33
N SER B 116 5.73 -16.49 -15.54
CA SER B 116 5.12 -17.69 -16.12
C SER B 116 5.99 -18.21 -17.25
N SER B 117 5.93 -19.50 -17.51
CA SER B 117 6.70 -20.04 -18.61
C SER B 117 5.78 -20.23 -19.85
N ALA B 118 4.48 -19.94 -19.67
CA ALA B 118 3.51 -20.07 -20.75
C ALA B 118 3.73 -19.16 -21.94
N SER B 119 3.29 -19.60 -23.11
CA SER B 119 3.42 -18.79 -24.31
C SER B 119 2.05 -18.18 -24.61
N THR B 120 2.02 -17.08 -25.35
CA THR B 120 0.76 -16.44 -25.72
C THR B 120 -0.08 -17.49 -26.43
N LYS B 121 -1.34 -17.60 -26.00
CA LYS B 121 -2.25 -18.59 -26.57
C LYS B 121 -3.70 -18.13 -26.47
N GLY B 122 -4.43 -18.23 -27.57
CA GLY B 122 -5.82 -17.82 -27.56
C GLY B 122 -6.68 -18.89 -26.95
N PRO B 123 -7.86 -18.54 -26.43
CA PRO B 123 -8.74 -19.54 -25.81
C PRO B 123 -9.61 -20.37 -26.74
N SER B 124 -10.01 -21.52 -26.21
CA SER B 124 -10.95 -22.37 -26.90
C SER B 124 -12.23 -21.88 -26.22
N VAL B 125 -13.31 -21.73 -26.99
CA VAL B 125 -14.58 -21.27 -26.44
C VAL B 125 -15.59 -22.38 -26.66
N PHE B 126 -16.13 -22.90 -25.55
CA PHE B 126 -17.10 -23.98 -25.63
C PHE B 126 -18.44 -23.55 -25.06
N PRO B 127 -19.52 -24.07 -25.64
CA PRO B 127 -20.83 -23.69 -25.14
C PRO B 127 -21.13 -24.35 -23.80
N LEU B 128 -21.94 -23.67 -23.00
CA LEU B 128 -22.40 -24.19 -21.73
C LEU B 128 -23.90 -24.17 -21.92
N ALA B 129 -24.48 -25.32 -22.15
CA ALA B 129 -25.90 -25.39 -22.35
C ALA B 129 -26.46 -26.59 -21.59
N PRO B 130 -27.68 -26.46 -21.07
CA PRO B 130 -28.29 -27.58 -20.33
C PRO B 130 -28.43 -28.78 -21.23
N CYS B 131 -28.27 -29.94 -20.62
CA CYS B 131 -28.37 -31.21 -21.30
C CYS B 131 -29.54 -31.22 -22.27
N SER B 132 -30.69 -30.70 -21.83
CA SER B 132 -31.88 -30.65 -22.65
C SER B 132 -32.54 -29.28 -22.56
N ARG B 133 -33.09 -28.81 -23.68
CA ARG B 133 -33.74 -27.50 -23.74
C ARG B 133 -34.94 -27.43 -22.79
N SER B 134 -35.46 -28.61 -22.46
CA SER B 134 -36.62 -28.80 -21.58
C SER B 134 -37.03 -27.67 -20.65
N THR B 135 -36.61 -27.77 -19.39
CA THR B 135 -36.91 -26.82 -18.33
C THR B 135 -38.40 -26.51 -18.17
N SER B 136 -38.85 -26.55 -16.92
CA SER B 136 -40.22 -26.25 -16.56
C SER B 136 -40.16 -24.92 -15.83
N GLU B 137 -38.94 -24.42 -15.67
CA GLU B 137 -38.68 -23.15 -15.00
C GLU B 137 -38.85 -22.05 -16.05
N SER B 138 -39.30 -20.88 -15.65
CA SER B 138 -39.49 -19.81 -16.62
C SER B 138 -38.18 -19.10 -17.01
N THR B 139 -37.08 -19.50 -16.35
CA THR B 139 -35.77 -18.92 -16.60
C THR B 139 -34.76 -20.02 -16.85
N ALA B 140 -33.81 -19.78 -17.75
CA ALA B 140 -32.77 -20.77 -18.05
C ALA B 140 -31.38 -20.11 -18.10
N ALA B 141 -30.35 -20.86 -17.75
CA ALA B 141 -28.98 -20.34 -17.77
C ALA B 141 -28.23 -20.91 -18.98
N LEU B 142 -27.41 -20.07 -19.60
CA LEU B 142 -26.61 -20.47 -20.75
C LEU B 142 -25.25 -19.84 -20.48
N GLY B 143 -24.23 -20.28 -21.19
CA GLY B 143 -22.92 -19.70 -20.95
C GLY B 143 -21.89 -20.17 -21.93
N CYS B 144 -20.67 -19.69 -21.73
CA CYS B 144 -19.56 -20.08 -22.58
C CYS B 144 -18.37 -20.26 -21.67
N LEU B 145 -17.63 -21.33 -21.92
CA LEU B 145 -16.42 -21.66 -21.19
C LEU B 145 -15.27 -21.20 -22.09
N VAL B 146 -14.47 -20.27 -21.58
CA VAL B 146 -13.36 -19.67 -22.29
C VAL B 146 -12.12 -20.28 -21.64
N LYS B 147 -11.64 -21.35 -22.27
CA LYS B 147 -10.56 -22.11 -21.69
C LYS B 147 -9.21 -22.10 -22.36
N ASP B 148 -8.18 -22.18 -21.50
CA ASP B 148 -6.80 -22.27 -21.92
C ASP B 148 -6.17 -21.12 -22.67
N TYR B 149 -6.13 -19.95 -22.06
CA TYR B 149 -5.50 -18.82 -22.71
C TYR B 149 -4.39 -18.21 -21.85
N PHE B 150 -3.56 -17.39 -22.48
CA PHE B 150 -2.50 -16.68 -21.81
C PHE B 150 -2.05 -15.57 -22.73
N PRO B 151 -1.83 -14.37 -22.18
CA PRO B 151 -1.99 -14.07 -20.76
C PRO B 151 -3.40 -13.48 -20.58
N GLU B 152 -3.69 -12.97 -19.39
CA GLU B 152 -4.97 -12.34 -19.16
C GLU B 152 -4.87 -10.99 -19.87
N PRO B 153 -5.99 -10.36 -20.21
CA PRO B 153 -7.35 -10.82 -19.97
C PRO B 153 -8.09 -11.15 -21.26
N VAL B 154 -9.31 -11.68 -21.14
CA VAL B 154 -10.17 -11.83 -22.30
C VAL B 154 -11.40 -10.99 -21.95
N THR B 155 -12.15 -10.55 -22.95
CA THR B 155 -13.38 -9.85 -22.67
C THR B 155 -14.47 -10.66 -23.37
N VAL B 156 -15.64 -10.72 -22.73
CA VAL B 156 -16.76 -11.44 -23.28
C VAL B 156 -18.01 -10.57 -23.31
N SER B 157 -18.74 -10.62 -24.41
CA SER B 157 -20.00 -9.89 -24.49
C SER B 157 -21.01 -10.89 -25.01
N TRP B 158 -22.30 -10.57 -24.86
CA TRP B 158 -23.33 -11.45 -25.39
C TRP B 158 -24.12 -10.71 -26.44
N ASN B 159 -24.38 -11.40 -27.56
CA ASN B 159 -25.12 -10.82 -28.67
C ASN B 159 -24.58 -9.47 -29.06
N SER B 160 -23.26 -9.41 -29.20
CA SER B 160 -22.55 -8.22 -29.61
C SER B 160 -22.79 -7.02 -28.71
N GLY B 161 -23.06 -7.28 -27.43
CA GLY B 161 -23.32 -6.19 -26.52
C GLY B 161 -24.79 -5.85 -26.31
N ALA B 162 -25.68 -6.51 -27.05
CA ALA B 162 -27.10 -6.21 -26.86
C ALA B 162 -27.63 -6.81 -25.57
N LEU B 163 -27.01 -7.90 -25.13
CA LEU B 163 -27.43 -8.61 -23.91
C LEU B 163 -26.41 -8.37 -22.81
N THR B 164 -26.83 -7.63 -21.79
CA THR B 164 -25.95 -7.28 -20.67
C THR B 164 -26.59 -7.64 -19.33
N SER B 165 -27.91 -7.53 -19.26
CA SER B 165 -28.61 -7.84 -18.02
C SER B 165 -28.61 -9.34 -17.68
N GLY B 166 -28.28 -9.66 -16.44
CA GLY B 166 -28.25 -11.06 -16.00
C GLY B 166 -26.97 -11.82 -16.37
N VAL B 167 -26.01 -11.11 -16.94
CA VAL B 167 -24.75 -11.73 -17.30
C VAL B 167 -23.77 -11.74 -16.12
N HIS B 168 -23.06 -12.85 -15.94
CA HIS B 168 -22.03 -12.93 -14.91
C HIS B 168 -20.80 -13.51 -15.60
N THR B 169 -19.77 -12.69 -15.73
CA THR B 169 -18.56 -13.20 -16.35
C THR B 169 -17.62 -13.29 -15.17
N PHE B 170 -17.22 -14.53 -14.87
CA PHE B 170 -16.39 -14.84 -13.72
C PHE B 170 -14.91 -14.53 -13.82
N PRO B 171 -14.30 -14.22 -12.66
CA PRO B 171 -12.87 -13.95 -12.63
C PRO B 171 -12.21 -15.22 -13.19
N ALA B 172 -11.13 -15.06 -13.92
CA ALA B 172 -10.42 -16.22 -14.47
C ALA B 172 -9.67 -16.94 -13.35
N VAL B 173 -9.42 -18.23 -13.53
CA VAL B 173 -8.65 -18.99 -12.56
C VAL B 173 -7.41 -19.46 -13.31
N LEU B 174 -6.29 -19.57 -12.62
CA LEU B 174 -5.05 -20.03 -13.22
C LEU B 174 -5.08 -21.54 -13.07
N GLN B 175 -4.99 -22.27 -14.17
CA GLN B 175 -4.99 -23.73 -14.07
C GLN B 175 -3.54 -24.19 -13.84
N SER B 176 -3.38 -25.44 -13.43
CA SER B 176 -2.05 -26.00 -13.16
C SER B 176 -1.20 -26.03 -14.43
N SER B 177 -1.85 -25.98 -15.60
CA SER B 177 -1.10 -25.95 -16.85
C SER B 177 -0.43 -24.59 -16.98
N GLY B 178 -0.84 -23.64 -16.15
CA GLY B 178 -0.28 -22.29 -16.28
C GLY B 178 -1.14 -21.43 -17.22
N LEU B 179 -2.19 -22.02 -17.76
CA LEU B 179 -3.10 -21.31 -18.66
C LEU B 179 -4.38 -20.93 -17.90
N TYR B 180 -4.94 -19.76 -18.21
CA TYR B 180 -6.16 -19.30 -17.57
C TYR B 180 -7.39 -19.88 -18.21
N SER B 181 -8.48 -19.80 -17.47
CA SER B 181 -9.76 -20.30 -17.92
C SER B 181 -10.83 -19.50 -17.19
N LEU B 182 -11.93 -19.24 -17.88
CA LEU B 182 -13.02 -18.48 -17.32
C LEU B 182 -14.35 -18.87 -17.96
N SER B 183 -15.43 -18.65 -17.21
CA SER B 183 -16.77 -18.88 -17.76
C SER B 183 -17.58 -17.57 -17.73
N SER B 184 -18.51 -17.45 -18.67
CA SER B 184 -19.40 -16.31 -18.72
C SER B 184 -20.78 -16.92 -18.87
N VAL B 185 -21.72 -16.54 -18.01
CA VAL B 185 -23.06 -17.11 -18.07
C VAL B 185 -24.12 -16.05 -18.11
N VAL B 186 -25.32 -16.43 -18.49
CA VAL B 186 -26.40 -15.46 -18.52
C VAL B 186 -27.71 -16.18 -18.32
N THR B 187 -28.66 -15.50 -17.69
CA THR B 187 -29.97 -16.12 -17.47
C THR B 187 -30.94 -15.39 -18.38
N VAL B 188 -31.76 -16.14 -19.10
CA VAL B 188 -32.72 -15.57 -20.03
C VAL B 188 -34.06 -16.26 -19.90
N PRO B 189 -35.12 -15.67 -20.48
CA PRO B 189 -36.45 -16.28 -20.42
C PRO B 189 -36.42 -17.62 -21.14
N SER B 190 -36.91 -18.67 -20.48
CA SER B 190 -36.96 -20.00 -21.09
C SER B 190 -37.83 -19.99 -22.37
N SER B 191 -38.81 -19.10 -22.43
CA SER B 191 -39.69 -19.02 -23.59
C SER B 191 -38.97 -18.44 -24.79
N SER B 192 -37.75 -17.95 -24.59
CA SER B 192 -36.98 -17.36 -25.69
C SER B 192 -36.06 -18.39 -26.35
N LEU B 193 -35.80 -19.51 -25.67
CA LEU B 193 -34.91 -20.54 -26.21
C LEU B 193 -35.39 -21.11 -27.52
N GLY B 194 -34.47 -21.44 -28.41
CA GLY B 194 -34.88 -22.02 -29.68
C GLY B 194 -35.50 -21.04 -30.67
N THR B 195 -35.65 -19.78 -30.28
CA THR B 195 -36.16 -18.75 -31.18
C THR B 195 -35.16 -17.58 -31.15
N LYS B 196 -34.74 -17.21 -29.95
CA LYS B 196 -33.75 -16.15 -29.78
C LYS B 196 -32.37 -16.78 -29.82
N THR B 197 -31.52 -16.29 -30.71
CA THR B 197 -30.16 -16.80 -30.77
C THR B 197 -29.32 -16.12 -29.67
N TYR B 198 -28.48 -16.92 -29.00
CA TYR B 198 -27.60 -16.39 -27.96
C TYR B 198 -26.16 -16.75 -28.29
N THR B 199 -25.34 -15.74 -28.53
CA THR B 199 -23.94 -16.03 -28.79
C THR B 199 -22.99 -15.17 -27.96
N CYS B 200 -21.90 -15.78 -27.51
CA CYS B 200 -20.91 -15.05 -26.73
C CYS B 200 -19.81 -14.66 -27.70
N ASN B 201 -19.34 -13.42 -27.55
CA ASN B 201 -18.29 -12.88 -28.38
C ASN B 201 -17.08 -12.77 -27.44
N VAL B 202 -16.03 -13.50 -27.77
CA VAL B 202 -14.82 -13.53 -26.96
C VAL B 202 -13.66 -12.84 -27.67
N ASP B 203 -13.03 -11.92 -26.95
CA ASP B 203 -11.91 -11.17 -27.52
C ASP B 203 -10.68 -11.40 -26.63
N HIS B 204 -9.59 -11.84 -27.25
CA HIS B 204 -8.31 -12.03 -26.54
C HIS B 204 -7.28 -11.35 -27.43
N LYS B 205 -6.97 -10.11 -27.08
CA LYS B 205 -6.07 -9.30 -27.88
C LYS B 205 -4.67 -9.83 -28.11
N PRO B 206 -4.00 -10.35 -27.06
CA PRO B 206 -2.64 -10.84 -27.28
C PRO B 206 -2.53 -11.88 -28.39
N SER B 207 -3.52 -12.76 -28.49
CA SER B 207 -3.50 -13.79 -29.52
C SER B 207 -4.36 -13.46 -30.76
N ASN B 208 -4.91 -12.24 -30.80
CA ASN B 208 -5.78 -11.80 -31.90
C ASN B 208 -6.96 -12.77 -32.09
N THR B 209 -7.45 -13.30 -30.97
CA THR B 209 -8.59 -14.22 -31.04
C THR B 209 -9.89 -13.41 -30.94
N LYS B 210 -10.83 -13.69 -31.84
CA LYS B 210 -12.10 -12.97 -31.85
C LYS B 210 -13.08 -14.05 -32.22
N VAL B 211 -13.69 -14.65 -31.22
CA VAL B 211 -14.60 -15.74 -31.50
C VAL B 211 -16.04 -15.49 -31.07
N ASP B 212 -16.97 -15.93 -31.93
CA ASP B 212 -18.41 -15.82 -31.69
C ASP B 212 -18.90 -17.25 -31.60
N LYS B 213 -19.44 -17.61 -30.46
CA LYS B 213 -19.89 -18.98 -30.25
C LYS B 213 -21.35 -18.99 -29.91
N ARG B 214 -22.15 -19.58 -30.80
CA ARG B 214 -23.57 -19.66 -30.56
C ARG B 214 -23.80 -20.75 -29.53
N VAL B 215 -24.71 -20.50 -28.61
CA VAL B 215 -24.98 -21.45 -27.55
C VAL B 215 -26.44 -21.89 -27.52
N GLU B 216 -26.65 -23.20 -27.54
CA GLU B 216 -28.00 -23.76 -27.53
C GLU B 216 -27.97 -25.23 -27.18
N SER B 217 -29.04 -25.73 -26.58
CA SER B 217 -29.11 -27.15 -26.25
C SER B 217 -29.43 -27.93 -27.54
N THR C 1 28.25 53.48 0.69
CA THR C 1 27.77 52.26 1.35
C THR C 1 26.95 51.38 0.41
N VAL C 2 27.17 50.08 0.49
CA VAL C 2 26.45 49.10 -0.33
C VAL C 2 25.44 48.37 0.55
N ALA C 3 24.16 48.44 0.17
CA ALA C 3 23.11 47.77 0.93
C ALA C 3 23.45 46.29 1.03
N ALA C 4 23.03 45.67 2.11
CA ALA C 4 23.32 44.26 2.32
C ALA C 4 22.39 43.41 1.45
N TYR C 5 22.90 42.29 0.96
CA TYR C 5 22.12 41.39 0.13
C TYR C 5 22.34 39.93 0.53
N ASN C 6 21.56 39.02 -0.06
CA ASN C 6 21.67 37.58 0.23
C ASN C 6 21.50 37.33 1.72
N LEU C 7 20.50 37.96 2.33
CA LEU C 7 20.26 37.74 3.73
C LEU C 7 19.68 36.33 3.83
N THR C 8 20.41 35.44 4.49
CA THR C 8 19.97 34.06 4.66
C THR C 8 20.04 33.62 6.12
N TRP C 9 19.15 32.72 6.52
CA TRP C 9 19.16 32.21 7.89
C TRP C 9 19.89 30.88 7.99
N LYS C 10 20.75 30.74 8.99
CA LYS C 10 21.45 29.48 9.22
C LYS C 10 20.94 29.05 10.58
N SER C 11 20.26 27.91 10.63
CA SER C 11 19.70 27.45 11.89
C SER C 11 19.71 25.95 12.07
N THR C 12 20.20 25.52 13.24
CA THR C 12 20.28 24.09 13.58
C THR C 12 19.89 23.96 15.05
N ASN C 13 18.89 23.15 15.32
CA ASN C 13 18.40 22.95 16.68
C ASN C 13 18.17 24.28 17.35
N PHE C 14 17.62 25.21 16.57
CA PHE C 14 17.26 26.55 17.03
C PHE C 14 18.37 27.58 17.19
N LYS C 15 19.64 27.15 17.16
CA LYS C 15 20.74 28.11 17.23
C LYS C 15 20.63 28.77 15.85
N THR C 16 20.32 30.06 15.86
CA THR C 16 20.06 30.78 14.64
C THR C 16 20.96 31.99 14.37
N ILE C 17 21.46 32.04 13.16
CA ILE C 17 22.33 33.13 12.74
C ILE C 17 21.93 33.65 11.36
N LEU C 18 21.78 34.96 11.27
CA LEU C 18 21.44 35.59 10.01
C LEU C 18 22.80 35.88 9.37
N GLU C 19 22.93 35.58 8.09
CA GLU C 19 24.17 35.84 7.37
C GLU C 19 23.80 36.74 6.21
N TRP C 20 24.78 37.41 5.63
CA TRP C 20 24.49 38.30 4.52
C TRP C 20 25.75 38.74 3.77
N GLU C 21 25.52 39.49 2.70
CA GLU C 21 26.56 40.02 1.85
C GLU C 21 26.48 41.54 1.86
N PRO C 22 27.61 42.23 1.62
CA PRO C 22 28.95 41.70 1.33
C PRO C 22 29.91 42.04 2.46
N LYS C 23 31.10 41.44 2.43
CA LYS C 23 32.11 41.76 3.43
C LYS C 23 32.19 43.29 3.35
N PRO C 24 32.11 44.00 4.49
CA PRO C 24 32.15 45.45 4.49
C PRO C 24 33.44 46.16 4.07
N VAL C 25 33.26 47.22 3.27
CA VAL C 25 34.36 48.06 2.79
C VAL C 25 33.98 49.48 3.18
N ASN C 26 34.58 49.97 4.25
CA ASN C 26 34.31 51.33 4.75
C ASN C 26 32.88 51.47 5.28
N GLN C 27 32.31 50.37 5.75
CA GLN C 27 30.97 50.40 6.30
C GLN C 27 30.78 49.36 7.39
N VAL C 28 29.78 49.59 8.22
CA VAL C 28 29.42 48.68 9.30
C VAL C 28 27.94 48.38 9.17
N TYR C 29 27.49 47.37 9.90
CA TYR C 29 26.08 46.97 9.84
C TYR C 29 25.45 46.94 11.22
N THR C 30 24.16 47.18 11.24
CA THR C 30 23.39 47.07 12.47
C THR C 30 22.22 46.18 12.05
N VAL C 31 22.02 45.09 12.80
CA VAL C 31 20.93 44.16 12.48
C VAL C 31 19.75 44.30 13.41
N GLN C 32 18.56 44.21 12.83
CA GLN C 32 17.31 44.29 13.61
C GLN C 32 16.44 43.06 13.35
N ILE C 33 15.74 42.62 14.39
CA ILE C 33 14.85 41.47 14.27
C ILE C 33 13.52 41.87 14.90
N SER C 34 12.43 41.46 14.27
CA SER C 34 11.10 41.78 14.78
C SER C 34 10.23 40.54 14.79
N THR C 35 9.46 40.39 15.85
CA THR C 35 8.56 39.25 16.01
C THR C 35 7.33 39.42 15.11
N LYS C 36 7.57 39.87 13.88
CA LYS C 36 6.52 40.08 12.89
C LYS C 36 5.40 40.97 13.43
N SER C 37 5.54 41.38 14.69
CA SER C 37 4.56 42.25 15.32
C SER C 37 4.89 43.66 14.86
N GLY C 38 5.96 43.76 14.08
CA GLY C 38 6.40 45.05 13.58
C GLY C 38 7.60 45.54 14.38
N ASP C 39 7.33 45.94 15.62
CA ASP C 39 8.35 46.46 16.54
C ASP C 39 9.73 45.80 16.37
N TRP C 40 10.65 46.51 15.72
CA TRP C 40 12.00 46.00 15.50
C TRP C 40 12.91 46.18 16.71
N LYS C 41 13.97 45.39 16.74
CA LYS C 41 14.94 45.44 17.81
C LYS C 41 16.34 45.16 17.26
N SER C 42 17.22 46.15 17.40
CA SER C 42 18.58 46.02 16.93
C SER C 42 19.32 45.07 17.85
N LYS C 43 20.06 44.14 17.28
CA LYS C 43 20.79 43.15 18.08
C LYS C 43 22.29 43.17 17.88
N CYS C 44 22.71 43.45 16.64
CA CYS C 44 24.13 43.51 16.32
C CYS C 44 24.39 44.96 15.86
N PHE C 45 25.13 45.71 16.66
CA PHE C 45 25.38 47.12 16.34
C PHE C 45 26.74 47.42 15.71
N TYR C 46 26.70 48.26 14.66
CA TYR C 46 27.91 48.72 13.98
C TYR C 46 29.01 47.70 13.91
N THR C 47 28.70 46.56 13.31
CA THR C 47 29.66 45.49 13.22
C THR C 47 30.23 45.34 11.82
N THR C 48 31.42 44.77 11.73
CA THR C 48 32.03 44.53 10.43
C THR C 48 31.74 43.07 10.05
N ASP C 49 31.18 42.31 10.99
CA ASP C 49 30.83 40.92 10.71
C ASP C 49 29.72 40.90 9.67
N THR C 50 29.55 39.76 8.99
CA THR C 50 28.48 39.63 8.01
C THR C 50 27.49 38.55 8.50
N GLU C 51 27.42 38.38 9.81
CA GLU C 51 26.49 37.43 10.42
C GLU C 51 26.10 37.98 11.79
N CYS C 52 24.94 37.56 12.28
CA CYS C 52 24.43 38.03 13.57
C CYS C 52 23.65 36.90 14.26
N ASP C 53 24.13 36.46 15.42
CA ASP C 53 23.44 35.40 16.15
C ASP C 53 22.17 35.93 16.80
N LEU C 54 21.02 35.47 16.31
CA LEU C 54 19.74 35.94 16.83
C LEU C 54 19.03 34.87 17.68
N THR C 55 19.75 33.86 18.11
CA THR C 55 19.16 32.79 18.90
C THR C 55 18.36 33.31 20.10
N ASP C 56 18.91 34.30 20.78
CA ASP C 56 18.26 34.90 21.95
C ASP C 56 16.87 35.39 21.67
N GLU C 57 16.60 35.82 20.44
CA GLU C 57 15.29 36.34 20.13
C GLU C 57 14.31 35.28 19.61
N ILE C 58 14.76 34.44 18.69
CA ILE C 58 13.87 33.43 18.15
C ILE C 58 13.42 32.39 19.18
N VAL C 59 14.30 32.02 20.10
CA VAL C 59 13.97 31.03 21.12
C VAL C 59 12.98 31.52 22.16
N LYS C 60 12.54 32.77 22.03
CA LYS C 60 11.58 33.30 22.97
C LYS C 60 10.20 32.76 22.56
N ASP C 61 10.12 32.30 21.31
CA ASP C 61 8.88 31.74 20.77
C ASP C 61 9.22 31.10 19.42
N VAL C 62 9.62 29.82 19.44
CA VAL C 62 10.01 29.15 18.21
C VAL C 62 8.95 28.99 17.14
N LYS C 63 7.68 29.06 17.54
CA LYS C 63 6.60 28.91 16.56
C LYS C 63 6.24 30.22 15.87
N GLN C 64 6.61 31.34 16.50
CA GLN C 64 6.37 32.67 15.97
C GLN C 64 7.24 32.83 14.73
N THR C 65 6.84 33.69 13.81
CA THR C 65 7.63 33.93 12.60
C THR C 65 8.45 35.20 12.83
N TYR C 66 9.68 35.22 12.33
CA TYR C 66 10.54 36.37 12.54
C TYR C 66 11.01 37.09 11.30
N LEU C 67 11.19 38.40 11.44
CA LEU C 67 11.67 39.22 10.34
C LEU C 67 12.93 39.94 10.81
N ALA C 68 13.93 39.98 9.94
CA ALA C 68 15.18 40.66 10.27
C ALA C 68 15.52 41.65 9.15
N ARG C 69 16.38 42.62 9.48
CA ARG C 69 16.82 43.63 8.53
C ARG C 69 18.23 44.07 8.90
N VAL C 70 19.05 44.33 7.90
CA VAL C 70 20.42 44.75 8.09
C VAL C 70 20.66 46.16 7.58
N PHE C 71 21.11 47.04 8.46
CA PHE C 71 21.39 48.41 8.08
C PHE C 71 22.86 48.62 7.74
N SER C 72 23.12 49.41 6.69
CA SER C 72 24.47 49.72 6.26
C SER C 72 24.82 51.17 6.69
N TYR C 73 26.01 51.33 7.27
CA TYR C 73 26.47 52.65 7.72
C TYR C 73 27.90 52.90 7.27
N PRO C 74 28.23 54.17 6.93
CA PRO C 74 29.59 54.52 6.49
C PRO C 74 30.53 54.28 7.67
N ALA C 75 31.76 53.86 7.40
CA ALA C 75 32.70 53.60 8.47
C ALA C 75 34.10 54.12 8.19
N GLY C 76 34.73 54.64 9.24
CA GLY C 76 36.07 55.18 9.11
C GLY C 76 36.07 56.63 8.68
N ASN C 77 37.27 57.14 8.42
CA ASN C 77 37.46 58.52 7.99
C ASN C 77 37.06 58.59 6.52
N VAL C 78 35.78 58.83 6.26
CA VAL C 78 35.27 58.91 4.90
C VAL C 78 34.13 59.91 4.80
N GLU C 79 33.54 59.98 3.62
CA GLU C 79 32.43 60.89 3.34
C GLU C 79 31.13 60.40 3.97
N SER C 80 30.13 60.17 3.11
CA SER C 80 28.81 59.70 3.50
C SER C 80 27.93 59.65 2.25
N THR C 81 27.65 58.44 1.77
CA THR C 81 26.83 58.21 0.57
C THR C 81 25.74 59.26 0.35
N GLY C 82 25.10 59.66 1.45
CA GLY C 82 24.05 60.65 1.38
C GLY C 82 24.33 61.85 2.27
N SER C 83 23.33 62.24 3.06
CA SER C 83 23.45 63.38 3.99
C SER C 83 23.39 62.87 5.42
N ALA C 84 23.98 61.70 5.67
CA ALA C 84 23.98 61.10 7.00
C ALA C 84 22.54 61.00 7.51
N GLY C 85 21.63 60.56 6.63
CA GLY C 85 20.23 60.43 6.98
C GLY C 85 19.70 59.01 7.01
N GLU C 86 18.89 58.66 6.01
CA GLU C 86 18.30 57.33 5.91
C GLU C 86 19.31 56.31 5.37
N PRO C 87 19.87 55.47 6.25
CA PRO C 87 20.84 54.47 5.83
C PRO C 87 20.23 53.42 4.92
N LEU C 88 21.08 52.71 4.19
CA LEU C 88 20.62 51.66 3.30
C LEU C 88 20.42 50.38 4.12
N TYR C 89 19.21 49.84 4.08
CA TYR C 89 18.92 48.61 4.81
C TYR C 89 18.47 47.51 3.85
N GLU C 90 17.90 46.46 4.43
CA GLU C 90 17.39 45.32 3.65
C GLU C 90 16.78 44.31 4.61
N ASN C 91 15.59 43.84 4.26
CA ASN C 91 14.89 42.86 5.08
C ASN C 91 15.30 41.44 4.67
N SER C 92 15.16 40.51 5.62
CA SER C 92 15.51 39.11 5.40
C SER C 92 14.26 38.31 5.07
N PRO C 93 14.44 37.05 4.66
CA PRO C 93 13.25 36.26 4.36
C PRO C 93 12.58 36.01 5.72
N GLU C 94 11.39 35.46 5.72
CA GLU C 94 10.76 35.18 7.00
C GLU C 94 11.39 33.92 7.60
N PHE C 95 11.22 33.74 8.90
CA PHE C 95 11.79 32.58 9.52
C PHE C 95 10.93 32.15 10.70
N THR C 96 10.49 30.90 10.66
CA THR C 96 9.70 30.34 11.73
C THR C 96 10.56 29.16 12.18
N PRO C 97 11.32 29.36 13.26
CA PRO C 97 12.23 28.35 13.84
C PRO C 97 11.71 26.90 13.83
N TYR C 98 10.60 26.68 14.52
CA TYR C 98 9.98 25.36 14.65
C TYR C 98 9.88 24.61 13.34
N LEU C 99 9.49 25.31 12.30
CA LEU C 99 9.30 24.73 10.99
C LEU C 99 10.52 24.73 10.09
N GLU C 100 11.50 25.58 10.37
CA GLU C 100 12.65 25.65 9.47
C GLU C 100 14.01 25.35 10.06
N THR C 101 14.15 25.37 11.37
CA THR C 101 15.47 25.07 11.87
C THR C 101 15.83 23.62 11.50
N ASN C 102 17.09 23.41 11.15
CA ASN C 102 17.55 22.09 10.80
C ASN C 102 17.64 21.22 12.06
N LEU C 103 17.50 19.92 11.88
CA LEU C 103 17.61 18.98 13.01
C LEU C 103 19.06 18.62 13.11
N GLY C 104 19.68 18.86 14.25
CA GLY C 104 21.08 18.51 14.42
C GLY C 104 21.32 17.02 14.30
N GLN C 105 22.57 16.64 14.11
CA GLN C 105 22.93 15.23 13.99
C GLN C 105 22.83 14.58 15.36
N PRO C 106 22.05 13.49 15.47
CA PRO C 106 21.89 12.80 16.76
C PRO C 106 23.17 12.12 17.19
N THR C 107 23.21 11.72 18.46
CA THR C 107 24.34 10.99 19.02
C THR C 107 23.76 9.82 19.82
N ILE C 108 24.28 8.63 19.61
CA ILE C 108 23.82 7.48 20.39
C ILE C 108 24.56 7.56 21.72
N GLN C 109 23.83 7.61 22.82
CA GLN C 109 24.50 7.72 24.12
C GLN C 109 24.98 6.38 24.70
N SER C 110 24.23 5.32 24.47
CA SER C 110 24.65 4.03 25.03
C SER C 110 23.91 2.82 24.50
N PHE C 111 24.45 1.64 24.80
CA PHE C 111 23.87 0.37 24.43
C PHE C 111 23.87 -0.42 25.70
N GLU C 112 22.80 -1.13 25.99
CA GLU C 112 22.79 -1.95 27.19
C GLU C 112 21.78 -3.07 27.01
N GLN C 113 22.15 -4.28 27.42
CA GLN C 113 21.21 -5.38 27.31
C GLN C 113 20.20 -5.19 28.42
N VAL C 114 18.93 -5.38 28.09
CA VAL C 114 17.81 -5.27 29.04
C VAL C 114 16.92 -6.45 28.70
N GLY C 115 16.88 -7.44 29.60
CA GLY C 115 16.08 -8.63 29.34
C GLY C 115 16.67 -9.31 28.11
N THR C 116 15.84 -9.58 27.12
CA THR C 116 16.38 -10.22 25.92
C THR C 116 16.62 -9.17 24.82
N LYS C 117 16.51 -7.88 25.15
CA LYS C 117 16.69 -6.81 24.17
C LYS C 117 17.97 -6.05 24.40
N VAL C 118 18.33 -5.20 23.43
CA VAL C 118 19.44 -4.30 23.61
C VAL C 118 18.75 -2.93 23.62
N ASN C 119 18.97 -2.17 24.68
CA ASN C 119 18.40 -0.83 24.82
C ASN C 119 19.40 0.12 24.19
N VAL C 120 19.01 0.81 23.12
CA VAL C 120 19.89 1.79 22.47
C VAL C 120 19.33 3.15 22.88
N THR C 121 20.13 3.94 23.57
CA THR C 121 19.65 5.23 24.05
C THR C 121 20.25 6.38 23.27
N VAL C 122 19.39 7.28 22.80
CA VAL C 122 19.81 8.47 22.05
C VAL C 122 20.01 9.61 23.04
N GLU C 123 21.06 10.42 22.85
CA GLU C 123 21.29 11.54 23.74
C GLU C 123 20.20 12.58 23.48
N ASP C 124 19.54 13.03 24.55
CA ASP C 124 18.47 14.03 24.42
C ASP C 124 19.18 15.36 24.46
N GLU C 125 19.64 15.81 23.30
CA GLU C 125 20.38 17.07 23.20
C GLU C 125 19.61 18.29 23.72
N ARG C 126 20.22 19.02 24.64
CA ARG C 126 19.55 20.21 25.15
C ARG C 126 19.76 21.33 24.14
N THR C 127 18.79 22.22 24.02
CA THR C 127 18.88 23.34 23.09
C THR C 127 18.87 24.62 23.94
N LEU C 128 19.05 25.75 23.26
CA LEU C 128 19.04 27.04 23.93
C LEU C 128 17.61 27.54 24.19
N VAL C 129 16.61 26.82 23.71
CA VAL C 129 15.23 27.23 23.96
C VAL C 129 14.99 27.00 25.45
N ARG C 130 14.24 27.89 26.10
CA ARG C 130 13.98 27.73 27.52
C ARG C 130 12.54 28.02 27.91
N ARG C 131 11.94 27.11 28.67
CA ARG C 131 10.57 27.27 29.13
C ARG C 131 10.67 27.39 30.65
N ASN C 132 10.09 28.46 31.19
CA ASN C 132 10.10 28.75 32.64
C ASN C 132 11.50 29.10 33.16
N ASN C 133 12.51 28.39 32.67
CA ASN C 133 13.91 28.62 33.06
C ASN C 133 14.76 27.40 32.70
N THR C 134 14.11 26.30 32.36
CA THR C 134 14.80 25.07 32.01
C THR C 134 15.15 25.03 30.53
N PHE C 135 16.39 24.63 30.22
CA PHE C 135 16.81 24.50 28.84
C PHE C 135 16.09 23.28 28.26
N LEU C 136 15.31 23.49 27.22
CA LEU C 136 14.56 22.40 26.63
C LEU C 136 15.37 21.53 25.68
N SER C 137 15.19 20.22 25.85
CA SER C 137 15.86 19.25 24.99
C SER C 137 15.08 19.29 23.70
N LEU C 138 15.64 18.73 22.65
CA LEU C 138 14.94 18.71 21.39
C LEU C 138 13.60 17.95 21.54
N ARG C 139 13.56 16.94 22.42
CA ARG C 139 12.31 16.19 22.62
C ARG C 139 11.23 17.09 23.24
N ASP C 140 11.64 17.88 24.22
CA ASP C 140 10.72 18.80 24.87
C ASP C 140 10.08 19.73 23.86
N VAL C 141 10.89 20.24 22.94
CA VAL C 141 10.37 21.17 21.95
C VAL C 141 9.38 20.55 20.99
N PHE C 142 9.77 19.44 20.37
CA PHE C 142 8.90 18.81 19.39
C PHE C 142 7.88 17.83 19.91
N GLY C 143 8.13 17.27 21.09
CA GLY C 143 7.19 16.29 21.61
C GLY C 143 7.18 15.11 20.65
N LYS C 144 5.99 14.60 20.32
CA LYS C 144 5.90 13.44 19.42
C LYS C 144 6.04 13.71 17.93
N ASP C 145 6.27 14.97 17.56
CA ASP C 145 6.48 15.33 16.16
C ASP C 145 7.91 15.02 15.75
N LEU C 146 8.65 14.34 16.62
CA LEU C 146 10.03 13.96 16.34
C LEU C 146 10.19 12.46 16.50
N ILE C 147 10.71 11.81 15.48
CA ILE C 147 10.96 10.37 15.53
C ILE C 147 12.46 10.13 15.37
N TYR C 148 13.02 9.19 16.12
CA TYR C 148 14.41 8.85 15.89
C TYR C 148 14.31 7.51 15.19
N THR C 149 15.07 7.38 14.12
CA THR C 149 15.06 6.16 13.36
C THR C 149 16.45 5.54 13.48
N LEU C 150 16.48 4.31 13.95
CA LEU C 150 17.70 3.55 14.13
C LEU C 150 17.94 2.63 12.94
N TYR C 151 19.20 2.49 12.52
CA TYR C 151 19.57 1.51 11.49
C TYR C 151 20.61 0.65 12.17
N TYR C 152 20.48 -0.67 12.10
CA TYR C 152 21.51 -1.51 12.71
C TYR C 152 21.72 -2.75 11.89
N TRP C 153 22.97 -3.21 11.89
CA TRP C 153 23.34 -4.40 11.15
C TRP C 153 24.60 -5.08 11.68
N LYS C 154 24.69 -6.37 11.40
CA LYS C 154 25.90 -7.14 11.74
C LYS C 154 26.93 -6.64 10.74
N SER C 155 28.15 -6.35 11.17
CA SER C 155 29.16 -5.89 10.22
C SER C 155 29.47 -7.01 9.21
N SER C 156 29.40 -8.25 9.66
CA SER C 156 29.69 -9.37 8.77
C SER C 156 28.70 -9.50 7.61
N SER C 157 27.41 -9.43 7.86
CA SER C 157 26.44 -9.59 6.77
C SER C 157 25.94 -8.32 6.12
N SER C 158 26.02 -7.22 6.86
CA SER C 158 25.50 -5.94 6.39
C SER C 158 23.99 -5.99 6.13
N GLY C 159 23.29 -6.99 6.69
CA GLY C 159 21.85 -7.06 6.54
C GLY C 159 21.24 -5.97 7.44
N LYS C 160 20.56 -4.98 6.86
CA LYS C 160 20.03 -3.89 7.69
C LYS C 160 18.65 -4.08 8.34
N LYS C 161 18.50 -3.60 9.57
CA LYS C 161 17.17 -3.60 10.21
C LYS C 161 16.94 -2.17 10.66
N THR C 162 15.69 -1.77 10.81
CA THR C 162 15.43 -0.39 11.20
C THR C 162 14.37 -0.39 12.30
N ALA C 163 14.39 0.61 13.15
CA ALA C 163 13.41 0.73 14.23
C ALA C 163 13.13 2.21 14.47
N LYS C 164 11.97 2.49 15.05
CA LYS C 164 11.61 3.87 15.32
C LYS C 164 11.17 4.08 16.73
N THR C 165 11.36 5.30 17.22
CA THR C 165 10.88 5.60 18.54
C THR C 165 10.54 7.08 18.60
N ASN C 166 9.54 7.46 19.39
CA ASN C 166 9.30 8.86 19.55
C ASN C 166 9.68 9.27 20.99
N THR C 167 10.48 8.42 21.66
CA THR C 167 11.06 8.84 22.94
C THR C 167 12.54 8.88 22.52
N ASN C 168 13.48 8.66 23.43
CA ASN C 168 14.91 8.62 23.07
C ASN C 168 15.43 7.19 23.26
N GLU C 169 14.51 6.25 23.44
CA GLU C 169 14.87 4.85 23.71
C GLU C 169 14.40 3.85 22.67
N PHE C 170 15.28 2.89 22.38
CA PHE C 170 14.97 1.81 21.47
C PHE C 170 15.22 0.52 22.26
N LEU C 171 14.41 -0.49 22.02
CA LEU C 171 14.59 -1.82 22.62
C LEU C 171 14.51 -2.73 21.39
N ILE C 172 15.64 -3.29 20.97
CA ILE C 172 15.68 -4.14 19.76
C ILE C 172 16.34 -5.52 20.03
N ASP C 173 16.13 -6.48 19.12
CA ASP C 173 16.75 -7.79 19.21
C ASP C 173 18.00 -7.74 18.33
N VAL C 174 19.05 -8.37 18.80
CA VAL C 174 20.34 -8.48 18.09
C VAL C 174 20.80 -9.93 18.34
N ASP C 175 21.49 -10.56 17.39
CA ASP C 175 21.96 -11.92 17.64
C ASP C 175 23.11 -11.83 18.65
N LYS C 176 23.17 -12.74 19.60
CA LYS C 176 24.20 -12.73 20.63
C LYS C 176 25.59 -13.02 20.10
N GLY C 177 26.59 -12.34 20.66
CA GLY C 177 27.98 -12.55 20.29
C GLY C 177 28.40 -12.14 18.89
N GLU C 178 27.63 -11.25 18.29
CA GLU C 178 27.96 -10.79 16.95
C GLU C 178 28.19 -9.29 17.00
N ASN C 179 29.11 -8.82 16.17
CA ASN C 179 29.41 -7.40 16.13
C ASN C 179 28.38 -6.70 15.27
N TYR C 180 27.70 -5.73 15.88
CA TYR C 180 26.68 -4.93 15.19
C TYR C 180 27.15 -3.49 15.04
N CYS C 181 26.60 -2.81 14.05
CA CYS C 181 26.89 -1.40 13.80
C CYS C 181 25.53 -0.72 13.92
N PHE C 182 25.53 0.51 14.40
CA PHE C 182 24.34 1.28 14.61
C PHE C 182 24.50 2.70 14.15
N SER C 183 23.42 3.28 13.67
CA SER C 183 23.37 4.68 13.22
C SER C 183 21.96 5.18 13.50
N VAL C 184 21.83 6.41 13.97
CA VAL C 184 20.53 6.96 14.27
C VAL C 184 20.30 8.27 13.55
N GLN C 185 19.05 8.48 13.15
CA GLN C 185 18.64 9.63 12.37
C GLN C 185 17.42 10.29 13.00
N ALA C 186 17.33 11.62 12.93
CA ALA C 186 16.18 12.30 13.48
C ALA C 186 15.27 12.70 12.33
N VAL C 187 13.96 12.65 12.56
CA VAL C 187 13.00 13.07 11.55
C VAL C 187 11.78 13.72 12.19
N ILE C 188 11.25 14.77 11.55
CA ILE C 188 10.04 15.46 12.02
C ILE C 188 9.01 15.02 10.97
N PRO C 189 8.18 14.03 11.30
CA PRO C 189 7.19 13.54 10.34
C PRO C 189 6.24 14.55 9.70
N SER C 190 5.84 15.57 10.44
CA SER C 190 4.93 16.56 9.90
C SER C 190 5.56 17.45 8.83
N ARG C 191 6.88 17.54 8.75
CA ARG C 191 7.50 18.40 7.74
C ARG C 191 7.42 17.77 6.36
N THR C 192 7.47 18.60 5.32
CA THR C 192 7.43 18.09 3.93
C THR C 192 8.78 18.31 3.25
N VAL C 193 9.62 19.11 3.89
CA VAL C 193 10.96 19.40 3.38
C VAL C 193 11.90 19.60 4.57
N ASN C 194 13.16 19.22 4.40
CA ASN C 194 14.16 19.36 5.48
C ASN C 194 13.62 18.66 6.73
N ARG C 195 13.07 17.49 6.53
CA ARG C 195 12.47 16.76 7.63
C ARG C 195 13.42 15.79 8.31
N LYS C 196 14.58 15.58 7.70
CA LYS C 196 15.54 14.61 8.20
C LYS C 196 16.92 15.19 8.57
N SER C 197 17.49 14.72 9.68
CA SER C 197 18.82 15.17 10.10
C SER C 197 19.82 14.29 9.35
N THR C 198 21.11 14.57 9.53
CA THR C 198 22.09 13.69 8.92
C THR C 198 22.21 12.57 9.97
N ASP C 199 22.74 11.43 9.55
CA ASP C 199 22.90 10.28 10.44
C ASP C 199 24.03 10.40 11.45
N SER C 200 23.83 9.86 12.66
CA SER C 200 24.88 9.89 13.66
C SER C 200 26.00 9.05 13.06
N PRO C 201 27.23 9.22 13.57
CA PRO C 201 28.34 8.43 13.03
C PRO C 201 28.09 6.93 13.29
N VAL C 202 28.45 6.07 12.34
CA VAL C 202 28.24 4.64 12.54
C VAL C 202 29.04 4.15 13.72
N GLU C 203 28.36 3.56 14.70
CA GLU C 203 28.97 3.01 15.90
C GLU C 203 28.87 1.48 15.83
N CYS C 204 29.98 0.79 15.61
CA CYS C 204 29.97 -0.68 15.57
C CYS C 204 30.45 -1.27 16.90
N MET C 205 29.52 -1.63 17.79
CA MET C 205 29.88 -2.20 19.10
C MET C 205 30.96 -3.26 18.97
#